data_6OZW
#
_entry.id   6OZW
#
_cell.length_a   88.581
_cell.length_b   98.366
_cell.length_c   72.706
_cell.angle_alpha   90.000
_cell.angle_beta   90.000
_cell.angle_gamma   90.000
#
_symmetry.space_group_name_H-M   'P 21 21 2'
#
loop_
_entity.id
_entity.type
_entity.pdbx_description
1 polymer 'DNA topoisomerase 1'
2 non-polymer 'MAGNESIUM ION'
3 non-polymer 'FORMIC ACID'
4 water water
#
_entity_poly.entity_id   1
_entity_poly.type   'polypeptide(L)'
_entity_poly.pdbx_seq_one_letter_code
;MGSSHHHHHHSSGLVPRGSHMTSKTTTTVKKTSKKRATPKKNLVIVESPAKAKTIEKYLGRSYKVVASVGHIRDLKKSSM
SIDFDNNYEPQYINIRGKGPLINSLKKEAKNAKQIFLASDPDREGEAISWHLAHILDLDLKGKNRVVFNEITKDAVKNAF
VEPRQIDMDLVDAQQARRVLDRIVGYSISPILWKKVKKGLSAGRVQSVALKLIIDRENEIKAFKPEEYWSIDGFFKKGNK
KFQANFYGLDNKKTKLKSNDDVKKVLTRIKNDDFLVDKVEKKERKRNAPLPYTTSSLQQDAANKINFRTRKTMMVAQQLY
EGIRLGSNGQQGLITYMRTDSTRISPVAQNDAANYITEHFGAEYSKHGNHVRNASGAQDAHEAIRPSNVNHTPESIAKYL
DKDQLKLYTLIWNRFVASQMTAAVFDTVKVNLTQNGVLFIANGSQIKFKGYMAVYNDSDKTKVLPEMIKGETVKKISANP
EQHFTQPPARYSEASLIKTLEENGVGRPSTYAPTLETIQKRYYVRLVSKRFEPTELGEIVNSLIIEFFPDIVDVKFTAEM
ESKLDEVEIGKEEWQKVIDQFYKPFEKEVIKAEEQ
;
_entity_poly.pdbx_strand_id   A
#
loop_
_chem_comp.id
_chem_comp.type
_chem_comp.name
_chem_comp.formula
FMT non-polymer 'FORMIC ACID' 'C H2 O2'
MG non-polymer 'MAGNESIUM ION' 'Mg 2'
#
# COMPACT_ATOMS: atom_id res chain seq x y z
N PRO A 39 -47.60 5.22 -3.05
CA PRO A 39 -46.24 5.43 -3.57
C PRO A 39 -45.17 4.94 -2.59
N LYS A 40 -44.61 3.76 -2.84
CA LYS A 40 -43.66 3.11 -1.92
C LYS A 40 -42.29 3.03 -2.59
N LYS A 41 -41.28 3.59 -1.93
CA LYS A 41 -39.98 3.77 -2.56
C LYS A 41 -39.09 2.53 -2.43
N ASN A 42 -37.96 2.58 -3.13
CA ASN A 42 -36.89 1.59 -2.98
C ASN A 42 -35.93 2.08 -1.89
N LEU A 43 -35.53 1.16 -1.00
CA LEU A 43 -34.61 1.47 0.08
C LEU A 43 -33.20 1.03 -0.29
N VAL A 44 -32.23 1.89 -0.01
CA VAL A 44 -30.83 1.62 -0.35
C VAL A 44 -29.99 1.95 0.88
N ILE A 45 -29.33 0.93 1.44
CA ILE A 45 -28.58 1.09 2.68
C ILE A 45 -27.08 1.12 2.38
N VAL A 46 -26.43 2.13 2.93
CA VAL A 46 -25.04 2.44 2.68
C VAL A 46 -24.39 2.61 4.05
N GLU A 47 -23.05 2.61 4.09
CA GLU A 47 -22.35 2.63 5.38
C GLU A 47 -22.15 4.03 5.95
N SER A 48 -22.13 5.09 5.14
CA SER A 48 -21.79 6.42 5.63
C SER A 48 -22.74 7.47 5.07
N PRO A 49 -22.95 8.57 5.80
CA PRO A 49 -23.81 9.65 5.26
C PRO A 49 -23.26 10.28 3.99
N ALA A 50 -21.95 10.57 3.97
CA ALA A 50 -21.35 11.13 2.76
C ALA A 50 -21.64 10.26 1.54
N LYS A 51 -21.58 8.95 1.70
CA LYS A 51 -21.92 8.05 0.61
C LYS A 51 -23.40 8.17 0.24
N ALA A 52 -24.28 8.17 1.24
CA ALA A 52 -25.72 8.25 0.96
C ALA A 52 -26.08 9.57 0.30
N LYS A 53 -25.51 10.69 0.77
CA LYS A 53 -25.74 11.97 0.11
C LYS A 53 -25.35 11.89 -1.36
N THR A 54 -24.13 11.40 -1.64
CA THR A 54 -23.68 11.27 -3.02
C THR A 54 -24.63 10.40 -3.83
N ILE A 55 -24.98 9.22 -3.32
CA ILE A 55 -25.78 8.27 -4.10
C ILE A 55 -27.22 8.78 -4.28
N GLU A 56 -27.69 9.63 -3.36
CA GLU A 56 -29.08 10.08 -3.35
C GLU A 56 -29.44 10.84 -4.63
N LYS A 57 -28.59 11.80 -5.03
CA LYS A 57 -28.82 12.54 -6.27
C LYS A 57 -28.81 11.60 -7.49
N TYR A 58 -27.93 10.61 -7.49
CA TYR A 58 -27.79 9.73 -8.65
C TYR A 58 -29.06 8.95 -8.95
N LEU A 59 -29.88 8.67 -7.92
CA LEU A 59 -30.91 7.65 -8.06
C LEU A 59 -32.29 8.20 -8.33
N GLY A 60 -32.67 9.33 -7.74
CA GLY A 60 -33.96 9.93 -8.05
C GLY A 60 -35.10 9.50 -7.13
N ARG A 61 -36.32 9.76 -7.62
CA ARG A 61 -37.51 9.73 -6.76
C ARG A 61 -37.72 8.37 -6.13
N SER A 62 -37.91 7.34 -6.95
CA SER A 62 -38.33 6.03 -6.47
C SER A 62 -37.25 5.30 -5.64
N TYR A 63 -36.33 6.05 -5.04
CA TYR A 63 -35.24 5.48 -4.24
C TYR A 63 -35.06 6.33 -2.99
N LYS A 64 -34.92 5.66 -1.84
CA LYS A 64 -34.58 6.30 -0.57
C LYS A 64 -33.26 5.71 -0.08
N VAL A 65 -32.31 6.57 0.28
CA VAL A 65 -30.95 6.16 0.57
C VAL A 65 -30.63 6.54 2.01
N VAL A 66 -30.26 5.56 2.82
CA VAL A 66 -29.94 5.78 4.23
C VAL A 66 -28.62 5.11 4.58
N ALA A 67 -27.93 5.69 5.56
CA ALA A 67 -26.70 5.15 6.11
C ALA A 67 -26.96 4.36 7.38
N SER A 68 -26.31 3.21 7.51
CA SER A 68 -26.32 2.47 8.77
C SER A 68 -25.28 2.97 9.77
N VAL A 69 -24.32 3.79 9.32
CA VAL A 69 -23.31 4.44 10.14
C VAL A 69 -22.39 3.39 10.77
N GLY A 70 -21.80 2.54 9.93
CA GLY A 70 -20.88 1.55 10.43
C GLY A 70 -21.55 0.23 10.73
N HIS A 71 -20.86 -0.62 11.47
CA HIS A 71 -21.41 -1.93 11.81
C HIS A 71 -22.57 -1.77 12.78
N ILE A 72 -23.54 -2.68 12.68
CA ILE A 72 -24.66 -2.72 13.62
C ILE A 72 -24.69 -4.00 14.44
N ARG A 73 -24.05 -5.09 14.01
CA ARG A 73 -23.91 -6.30 14.80
C ARG A 73 -22.43 -6.59 15.00
N ASP A 74 -22.09 -7.18 16.14
CA ASP A 74 -20.70 -7.50 16.43
C ASP A 74 -20.67 -8.68 17.41
N LEU A 75 -19.46 -9.21 17.64
CA LEU A 75 -19.26 -10.13 18.73
C LEU A 75 -19.54 -9.43 20.07
N LYS A 76 -19.88 -10.23 21.09
CA LYS A 76 -19.96 -9.70 22.44
C LYS A 76 -18.59 -9.25 22.90
N LYS A 77 -18.56 -8.16 23.66
CA LYS A 77 -17.28 -7.63 24.13
C LYS A 77 -16.80 -8.26 25.42
N SER A 78 -17.74 -8.77 26.23
CA SER A 78 -17.48 -9.23 27.60
C SER A 78 -17.16 -10.72 27.70
N SER A 79 -17.18 -11.45 26.59
CA SER A 79 -16.90 -12.87 26.60
C SER A 79 -16.35 -13.24 25.22
N MET A 80 -15.85 -14.47 25.12
CA MET A 80 -15.16 -14.89 23.91
C MET A 80 -16.08 -14.78 22.69
N SER A 81 -17.37 -15.10 22.86
CA SER A 81 -18.43 -14.94 21.86
C SER A 81 -18.29 -15.90 20.68
N ILE A 82 -17.61 -17.04 20.88
CA ILE A 82 -17.45 -18.07 19.86
C ILE A 82 -18.13 -19.34 20.36
N ASP A 83 -18.93 -19.98 19.52
CA ASP A 83 -19.61 -21.19 19.97
C ASP A 83 -18.72 -22.38 19.66
N PHE A 84 -18.00 -22.85 20.67
CA PHE A 84 -17.02 -23.90 20.44
C PHE A 84 -17.66 -25.28 20.31
N ASP A 85 -18.91 -25.43 20.73
CA ASP A 85 -19.65 -26.66 20.50
C ASP A 85 -20.26 -26.72 19.12
N ASN A 86 -20.31 -25.60 18.40
CA ASN A 86 -20.93 -25.55 17.08
C ASN A 86 -19.95 -24.98 16.04
N ASN A 87 -18.79 -25.63 15.95
CA ASN A 87 -17.78 -25.33 14.93
C ASN A 87 -17.46 -23.85 14.87
N TYR A 88 -17.14 -23.27 16.04
CA TYR A 88 -16.63 -21.92 16.10
C TYR A 88 -17.62 -20.89 15.61
N GLU A 89 -18.91 -21.22 15.61
CA GLU A 89 -19.89 -20.27 15.08
C GLU A 89 -19.86 -19.00 15.92
N PRO A 90 -19.74 -17.84 15.30
CA PRO A 90 -19.73 -16.60 16.09
C PRO A 90 -21.12 -16.34 16.68
N GLN A 91 -21.10 -15.88 17.92
CA GLN A 91 -22.31 -15.39 18.59
C GLN A 91 -22.27 -13.87 18.47
N TYR A 92 -23.19 -13.32 17.68
CA TYR A 92 -23.28 -11.88 17.44
C TYR A 92 -24.37 -11.27 18.30
N ILE A 93 -24.24 -9.98 18.61
CA ILE A 93 -25.29 -9.21 19.23
C ILE A 93 -25.45 -7.91 18.45
N ASN A 94 -26.56 -7.23 18.68
CA ASN A 94 -26.67 -5.86 18.18
C ASN A 94 -25.75 -4.97 18.99
N ILE A 95 -25.07 -4.05 18.29
CA ILE A 95 -24.03 -3.27 18.94
C ILE A 95 -24.66 -2.38 20.01
N ARG A 96 -23.99 -2.31 21.16
CA ARG A 96 -24.46 -1.45 22.24
C ARG A 96 -24.45 0.00 21.77
N GLY A 97 -25.65 0.60 21.76
CA GLY A 97 -25.84 1.96 21.34
C GLY A 97 -26.55 2.09 20.02
N LYS A 98 -26.45 1.08 19.16
CA LYS A 98 -27.04 1.18 17.83
C LYS A 98 -28.51 0.75 17.78
N GLY A 99 -29.11 0.43 18.93
CA GLY A 99 -30.49 -0.04 18.97
C GLY A 99 -31.49 0.86 18.27
N PRO A 100 -31.50 2.15 18.60
CA PRO A 100 -32.44 3.05 17.93
C PRO A 100 -32.21 3.13 16.42
N LEU A 101 -30.95 3.22 15.99
CA LEU A 101 -30.66 3.18 14.55
C LEU A 101 -31.23 1.91 13.92
N ILE A 102 -30.99 0.76 14.55
CA ILE A 102 -31.48 -0.50 14.02
C ILE A 102 -33.00 -0.46 13.88
N ASN A 103 -33.70 0.04 14.91
CA ASN A 103 -35.16 0.08 14.86
C ASN A 103 -35.65 0.89 13.68
N SER A 104 -35.05 2.05 13.44
CA SER A 104 -35.46 2.89 12.32
C SER A 104 -35.16 2.26 10.97
N LEU A 105 -34.07 1.50 10.85
CA LEU A 105 -33.86 0.74 9.62
C LEU A 105 -34.99 -0.26 9.40
N LYS A 106 -35.38 -0.97 10.45
CA LYS A 106 -36.49 -1.92 10.32
C LYS A 106 -37.78 -1.22 9.88
N LYS A 107 -38.04 -0.02 10.39
CA LYS A 107 -39.24 0.71 9.97
C LYS A 107 -39.14 1.14 8.51
N GLU A 108 -37.97 1.63 8.08
CA GLU A 108 -37.81 2.02 6.68
C GLU A 108 -37.97 0.83 5.77
N ALA A 109 -37.45 -0.33 6.18
CA ALA A 109 -37.56 -1.53 5.38
C ALA A 109 -39.00 -1.98 5.22
N LYS A 110 -39.84 -1.77 6.24
CA LYS A 110 -41.25 -2.12 6.14
C LYS A 110 -41.94 -1.28 5.09
N ASN A 111 -41.66 0.02 5.09
CA ASN A 111 -42.18 0.98 4.13
C ASN A 111 -41.66 0.72 2.71
N ALA A 112 -40.53 0.04 2.55
CA ALA A 112 -39.86 -0.01 1.26
C ALA A 112 -40.55 -0.95 0.28
N LYS A 113 -40.38 -0.65 -1.02
CA LYS A 113 -40.83 -1.53 -2.09
C LYS A 113 -39.88 -2.70 -2.26
N GLN A 114 -38.58 -2.43 -2.21
CA GLN A 114 -37.53 -3.44 -2.24
C GLN A 114 -36.30 -2.85 -1.56
N ILE A 115 -35.45 -3.72 -1.03
CA ILE A 115 -34.29 -3.30 -0.25
C ILE A 115 -33.02 -3.58 -1.07
N PHE A 116 -32.14 -2.58 -1.14
CA PHE A 116 -30.86 -2.74 -1.81
C PHE A 116 -29.72 -2.42 -0.86
N LEU A 117 -28.80 -3.38 -0.73
CA LEU A 117 -27.65 -3.27 0.17
C LEU A 117 -26.46 -2.83 -0.67
N ALA A 118 -26.00 -1.59 -0.44
CA ALA A 118 -25.04 -0.92 -1.30
C ALA A 118 -23.70 -0.67 -0.62
N SER A 119 -23.29 -1.58 0.26
CA SER A 119 -22.01 -1.54 0.95
C SER A 119 -20.84 -1.71 -0.04
N ASP A 120 -19.67 -1.20 0.36
CA ASP A 120 -18.40 -1.31 -0.38
C ASP A 120 -18.10 -2.70 -0.91
N PRO A 121 -17.36 -2.82 -2.02
CA PRO A 121 -17.17 -4.12 -2.68
C PRO A 121 -15.95 -4.90 -2.19
N ASP A 122 -16.02 -5.41 -0.96
CA ASP A 122 -14.96 -6.25 -0.39
C ASP A 122 -15.59 -7.20 0.63
N ARG A 123 -14.73 -8.00 1.28
CA ARG A 123 -15.22 -8.94 2.30
C ARG A 123 -16.00 -8.21 3.38
N GLU A 124 -15.50 -7.08 3.86
CA GLU A 124 -16.14 -6.39 4.97
C GLU A 124 -17.51 -5.85 4.54
N GLY A 125 -17.58 -5.26 3.35
CA GLY A 125 -18.85 -4.80 2.82
C GLY A 125 -19.86 -5.91 2.63
N GLU A 126 -19.41 -7.11 2.30
CA GLU A 126 -20.38 -8.19 2.12
C GLU A 126 -20.95 -8.64 3.47
N ALA A 127 -20.13 -8.66 4.53
CA ALA A 127 -20.62 -9.06 5.85
C ALA A 127 -21.55 -7.98 6.43
N ILE A 128 -21.26 -6.71 6.18
CA ILE A 128 -22.22 -5.66 6.50
C ILE A 128 -23.57 -5.98 5.84
N SER A 129 -23.54 -6.29 4.55
CA SER A 129 -24.79 -6.54 3.84
C SER A 129 -25.51 -7.74 4.42
N TRP A 130 -24.75 -8.73 4.88
CA TRP A 130 -25.32 -9.93 5.48
C TRP A 130 -25.93 -9.63 6.84
N HIS A 131 -25.31 -8.75 7.61
CA HIS A 131 -25.87 -8.39 8.91
C HIS A 131 -27.15 -7.59 8.73
N LEU A 132 -27.19 -6.74 7.71
CA LEU A 132 -28.43 -6.01 7.41
C LEU A 132 -29.52 -6.96 6.93
N ALA A 133 -29.19 -7.89 6.05
CA ALA A 133 -30.13 -8.93 5.68
C ALA A 133 -30.69 -9.61 6.93
N HIS A 134 -29.81 -9.93 7.88
CA HIS A 134 -30.28 -10.61 9.09
C HIS A 134 -31.23 -9.73 9.88
N ILE A 135 -30.84 -8.48 10.13
CA ILE A 135 -31.67 -7.60 10.95
C ILE A 135 -33.00 -7.30 10.26
N LEU A 136 -33.00 -7.20 8.94
CA LEU A 136 -34.20 -6.85 8.21
C LEU A 136 -35.01 -8.06 7.78
N ASP A 137 -34.61 -9.27 8.18
CA ASP A 137 -35.35 -10.50 7.85
C ASP A 137 -35.48 -10.69 6.34
N LEU A 138 -34.45 -10.31 5.59
CA LEU A 138 -34.45 -10.47 4.15
C LEU A 138 -34.09 -11.89 3.76
N ASP A 139 -34.63 -12.35 2.63
CA ASP A 139 -34.31 -13.69 2.14
C ASP A 139 -32.96 -13.70 1.46
N LEU A 140 -32.06 -14.55 1.98
CA LEU A 140 -30.70 -14.62 1.44
C LEU A 140 -30.66 -15.16 0.01
N LYS A 141 -31.77 -15.70 -0.50
CA LYS A 141 -31.80 -16.04 -1.91
C LYS A 141 -32.18 -14.85 -2.78
N GLY A 142 -32.59 -13.74 -2.17
CA GLY A 142 -32.97 -12.58 -2.94
C GLY A 142 -31.78 -11.84 -3.54
N LYS A 143 -32.05 -11.13 -4.63
CA LYS A 143 -31.01 -10.37 -5.32
C LYS A 143 -31.08 -8.89 -4.90
N ASN A 144 -30.60 -8.66 -3.67
CA ASN A 144 -30.67 -7.36 -3.02
C ASN A 144 -29.31 -6.72 -2.80
N ARG A 145 -28.22 -7.31 -3.33
CA ARG A 145 -26.87 -6.77 -3.15
C ARG A 145 -26.43 -6.08 -4.44
N VAL A 146 -26.05 -4.81 -4.33
CA VAL A 146 -25.60 -4.04 -5.48
C VAL A 146 -24.17 -3.54 -5.19
N VAL A 147 -23.25 -3.86 -6.09
CA VAL A 147 -21.84 -3.54 -5.89
C VAL A 147 -21.38 -2.63 -7.00
N PHE A 148 -20.52 -1.68 -6.64
CA PHE A 148 -19.87 -0.78 -7.57
C PHE A 148 -18.54 -0.38 -6.95
N ASN A 149 -17.59 0.03 -7.80
CA ASN A 149 -16.27 0.37 -7.30
C ASN A 149 -15.90 1.82 -7.57
N GLU A 150 -16.81 2.62 -8.09
CA GLU A 150 -16.73 4.06 -7.97
C GLU A 150 -18.14 4.60 -7.82
N ILE A 151 -18.26 5.75 -7.16
CA ILE A 151 -19.54 6.35 -6.85
C ILE A 151 -19.79 7.49 -7.84
N THR A 152 -20.14 7.12 -9.06
CA THR A 152 -20.53 8.03 -10.13
C THR A 152 -21.91 7.61 -10.62
N LYS A 153 -22.63 8.54 -11.25
CA LYS A 153 -23.99 8.24 -11.66
C LYS A 153 -24.02 7.01 -12.57
N ASP A 154 -23.06 6.89 -13.48
CA ASP A 154 -23.11 5.78 -14.42
C ASP A 154 -22.80 4.44 -13.73
N ALA A 155 -21.79 4.41 -12.87
CA ALA A 155 -21.44 3.16 -12.19
C ALA A 155 -22.55 2.71 -11.25
N VAL A 156 -23.15 3.68 -10.54
CA VAL A 156 -24.23 3.37 -9.60
C VAL A 156 -25.42 2.74 -10.32
N LYS A 157 -25.87 3.36 -11.41
CA LYS A 157 -27.09 2.88 -12.06
C LYS A 157 -26.87 1.53 -12.75
N ASN A 158 -25.71 1.31 -13.38
CA ASN A 158 -25.44 -0.02 -13.91
C ASN A 158 -25.50 -1.08 -12.82
N ALA A 159 -25.26 -0.71 -11.56
CA ALA A 159 -25.22 -1.70 -10.49
C ALA A 159 -26.62 -2.24 -10.20
N PHE A 160 -27.63 -1.39 -10.28
CA PHE A 160 -28.99 -1.85 -10.05
C PHE A 160 -29.55 -2.65 -11.22
N VAL A 161 -28.90 -2.63 -12.38
CA VAL A 161 -29.39 -3.40 -13.51
C VAL A 161 -29.27 -4.90 -13.23
N GLU A 162 -28.19 -5.33 -12.60
CA GLU A 162 -27.97 -6.74 -12.31
C GLU A 162 -27.52 -6.93 -10.87
N PRO A 163 -28.41 -6.73 -9.91
CA PRO A 163 -28.07 -7.04 -8.51
C PRO A 163 -27.90 -8.54 -8.35
N ARG A 164 -27.25 -8.92 -7.27
CA ARG A 164 -27.01 -10.33 -6.99
C ARG A 164 -27.37 -10.62 -5.54
N GLN A 165 -27.51 -11.91 -5.26
CA GLN A 165 -27.68 -12.31 -3.87
C GLN A 165 -26.35 -12.18 -3.13
N ILE A 166 -26.44 -12.22 -1.80
CA ILE A 166 -25.26 -12.07 -0.97
C ILE A 166 -24.34 -13.28 -1.17
N ASP A 167 -23.05 -13.00 -1.38
CA ASP A 167 -22.06 -14.05 -1.57
C ASP A 167 -21.60 -14.55 -0.21
N MET A 168 -22.08 -15.72 0.20
CA MET A 168 -21.75 -16.27 1.52
C MET A 168 -20.30 -16.70 1.63
N ASP A 169 -19.60 -16.90 0.52
CA ASP A 169 -18.17 -17.19 0.59
C ASP A 169 -17.40 -15.97 1.07
N LEU A 170 -17.69 -14.80 0.48
CA LEU A 170 -17.10 -13.55 0.94
C LEU A 170 -17.44 -13.29 2.40
N VAL A 171 -18.71 -13.51 2.78
CA VAL A 171 -19.15 -13.34 4.16
C VAL A 171 -18.36 -14.27 5.08
N ASP A 172 -18.22 -15.55 4.69
CA ASP A 172 -17.50 -16.50 5.53
C ASP A 172 -16.02 -16.14 5.64
N ALA A 173 -15.43 -15.55 4.60
CA ALA A 173 -14.05 -15.10 4.68
C ALA A 173 -13.87 -13.96 5.68
N GLN A 174 -14.86 -13.06 5.76
CA GLN A 174 -14.83 -12.04 6.80
C GLN A 174 -15.02 -12.65 8.18
N GLN A 175 -15.97 -13.57 8.31
CA GLN A 175 -16.19 -14.21 9.59
C GLN A 175 -14.94 -14.90 10.10
N ALA A 176 -14.29 -15.69 9.25
CA ALA A 176 -13.07 -16.39 9.64
C ALA A 176 -12.04 -15.45 10.23
N ARG A 177 -11.74 -14.35 9.52
CA ARG A 177 -10.77 -13.39 10.05
C ARG A 177 -11.22 -12.86 11.40
N ARG A 178 -12.49 -12.52 11.53
CA ARG A 178 -13.00 -12.04 12.80
C ARG A 178 -12.88 -13.09 13.90
N VAL A 179 -13.19 -14.34 13.60
CA VAL A 179 -13.10 -15.37 14.63
C VAL A 179 -11.64 -15.60 15.02
N LEU A 180 -10.75 -15.68 14.02
CA LEU A 180 -9.31 -15.84 14.27
C LEU A 180 -8.78 -14.75 15.17
N ASP A 181 -9.02 -13.49 14.80
CA ASP A 181 -8.46 -12.36 15.55
C ASP A 181 -9.04 -12.30 16.95
N ARG A 182 -10.29 -12.70 17.13
CA ARG A 182 -10.89 -12.75 18.45
C ARG A 182 -10.22 -13.81 19.32
N ILE A 183 -10.09 -15.03 18.79
CA ILE A 183 -9.49 -16.11 19.55
C ILE A 183 -8.07 -15.76 19.97
N VAL A 184 -7.30 -15.16 19.05
CA VAL A 184 -5.91 -14.82 19.35
C VAL A 184 -5.85 -13.70 20.36
N GLY A 185 -6.60 -12.62 20.11
CA GLY A 185 -6.53 -11.45 20.97
C GLY A 185 -6.96 -11.75 22.39
N TYR A 186 -8.12 -12.38 22.56
CA TYR A 186 -8.61 -12.68 23.89
C TYR A 186 -7.90 -13.88 24.53
N SER A 187 -7.09 -14.62 23.78
CA SER A 187 -6.33 -15.67 24.46
C SER A 187 -4.99 -15.17 24.97
N ILE A 188 -4.31 -14.34 24.18
CA ILE A 188 -2.96 -13.89 24.53
C ILE A 188 -3.03 -12.75 25.53
N SER A 189 -3.93 -11.80 25.32
CA SER A 189 -4.00 -10.62 26.19
C SER A 189 -3.98 -10.94 27.67
N PRO A 190 -4.76 -11.89 28.20
CA PRO A 190 -4.66 -12.18 29.63
C PRO A 190 -3.28 -12.69 30.02
N ILE A 191 -2.60 -13.39 29.10
CA ILE A 191 -1.26 -13.87 29.42
C ILE A 191 -0.29 -12.70 29.53
N LEU A 192 -0.41 -11.71 28.63
CA LEU A 192 0.39 -10.50 28.76
C LEU A 192 0.07 -9.78 30.08
N TRP A 193 -1.21 -9.71 30.46
CA TRP A 193 -1.57 -9.08 31.73
C TRP A 193 -0.89 -9.80 32.90
N LYS A 194 -0.76 -11.12 32.81
CA LYS A 194 -0.24 -11.87 33.93
C LYS A 194 1.27 -11.68 34.05
N LYS A 195 1.98 -11.62 32.92
CA LYS A 195 3.44 -11.66 32.93
C LYS A 195 4.10 -10.30 32.66
N VAL A 196 3.33 -9.31 32.25
CA VAL A 196 3.91 -8.04 31.85
C VAL A 196 3.12 -6.93 32.53
N LYS A 197 2.00 -6.53 31.94
CA LYS A 197 1.26 -5.39 32.44
C LYS A 197 -0.21 -5.54 32.05
N LYS A 198 -1.12 -5.14 32.94
CA LYS A 198 -2.52 -5.05 32.57
C LYS A 198 -2.69 -4.12 31.38
N GLY A 199 -3.76 -4.32 30.62
CA GLY A 199 -4.10 -3.44 29.52
C GLY A 199 -3.43 -3.75 28.19
N LEU A 200 -2.62 -4.79 28.12
CA LEU A 200 -1.89 -5.08 26.89
C LEU A 200 -2.68 -6.03 25.97
N SER A 201 -2.32 -5.99 24.69
CA SER A 201 -2.96 -6.89 23.73
C SER A 201 -1.99 -7.17 22.59
N ALA A 202 -2.27 -8.25 21.86
CA ALA A 202 -1.49 -8.60 20.68
C ALA A 202 -2.42 -9.11 19.59
N GLY A 203 -1.92 -9.09 18.35
CA GLY A 203 -2.66 -9.61 17.22
C GLY A 203 -1.72 -10.33 16.27
N ARG A 204 -2.31 -11.06 15.32
CA ARG A 204 -1.54 -11.87 14.38
C ARG A 204 -0.62 -11.02 13.50
N VAL A 205 -1.18 -10.24 12.57
CA VAL A 205 -0.31 -9.52 11.64
C VAL A 205 0.51 -8.47 12.40
N GLN A 206 -0.05 -7.89 13.46
CA GLN A 206 0.71 -6.96 14.29
C GLN A 206 1.96 -7.60 14.86
N SER A 207 1.86 -8.86 15.28
CA SER A 207 3.02 -9.54 15.86
C SER A 207 4.07 -9.87 14.81
N VAL A 208 3.63 -10.24 13.60
CA VAL A 208 4.56 -10.45 12.50
C VAL A 208 5.37 -9.19 12.26
N ALA A 209 4.68 -8.06 12.16
CA ALA A 209 5.34 -6.79 11.87
C ALA A 209 6.34 -6.43 12.96
N LEU A 210 5.93 -6.57 14.22
CA LEU A 210 6.81 -6.24 15.35
C LEU A 210 8.08 -7.07 15.33
N LYS A 211 7.95 -8.39 15.14
CA LYS A 211 9.14 -9.22 15.04
C LYS A 211 10.03 -8.81 13.86
N LEU A 212 9.43 -8.42 12.73
CA LEU A 212 10.25 -7.99 11.59
C LEU A 212 11.06 -6.77 11.96
N ILE A 213 10.43 -5.83 12.66
CA ILE A 213 11.08 -4.61 13.10
C ILE A 213 12.19 -4.92 14.11
N ILE A 214 11.94 -5.86 15.03
CA ILE A 214 12.97 -6.19 16.02
C ILE A 214 14.12 -6.97 15.40
N ASP A 215 13.82 -7.84 14.42
CA ASP A 215 14.91 -8.53 13.74
C ASP A 215 15.79 -7.54 12.98
N ARG A 216 15.18 -6.54 12.35
CA ARG A 216 15.96 -5.52 11.66
C ARG A 216 16.78 -4.69 12.66
N GLU A 217 16.24 -4.43 13.84
CA GLU A 217 17.00 -3.70 14.85
C GLU A 217 18.17 -4.55 15.35
N ASN A 218 17.98 -5.87 15.46
CA ASN A 218 19.09 -6.73 15.85
C ASN A 218 20.20 -6.71 14.80
N GLU A 219 19.84 -6.64 13.52
CA GLU A 219 20.86 -6.55 12.47
C GLU A 219 21.62 -5.25 12.60
N ILE A 220 20.89 -4.17 12.82
CA ILE A 220 21.52 -2.87 12.99
C ILE A 220 22.51 -2.90 14.15
N LYS A 221 22.09 -3.44 15.30
CA LYS A 221 22.97 -3.50 16.47
C LYS A 221 24.24 -4.30 16.16
N ALA A 222 24.11 -5.37 15.40
CA ALA A 222 25.25 -6.24 15.11
C ALA A 222 26.12 -5.71 13.97
N PHE A 223 25.71 -4.65 13.28
CA PHE A 223 26.46 -4.18 12.11
C PHE A 223 27.74 -3.50 12.56
N LYS A 224 28.79 -3.64 11.76
CA LYS A 224 30.09 -3.04 12.03
C LYS A 224 30.44 -2.05 10.93
N PRO A 225 30.39 -0.75 11.16
CA PRO A 225 30.72 0.19 10.07
C PRO A 225 32.20 0.15 9.70
N GLU A 226 32.47 0.60 8.49
CA GLU A 226 33.81 0.59 7.93
C GLU A 226 34.02 1.89 7.17
N GLU A 227 35.21 2.48 7.32
CA GLU A 227 35.60 3.64 6.52
C GLU A 227 35.95 3.22 5.10
N TYR A 228 35.45 3.96 4.11
CA TYR A 228 35.90 3.78 2.73
C TYR A 228 35.91 5.15 2.06
N TRP A 229 36.65 5.24 0.94
CA TRP A 229 36.87 6.51 0.28
C TRP A 229 36.51 6.43 -1.19
N SER A 230 36.12 7.57 -1.74
CA SER A 230 35.87 7.73 -3.17
C SER A 230 36.79 8.81 -3.73
N ILE A 231 36.91 8.89 -5.06
CA ILE A 231 37.64 9.98 -5.70
C ILE A 231 36.82 10.51 -6.86
N ASP A 232 36.32 11.75 -6.75
CA ASP A 232 35.73 12.46 -7.87
C ASP A 232 36.83 13.03 -8.75
N GLY A 233 36.73 12.83 -10.05
CA GLY A 233 37.63 13.45 -11.00
C GLY A 233 36.90 14.49 -11.82
N PHE A 234 37.60 15.57 -12.15
CA PHE A 234 37.08 16.57 -13.06
C PHE A 234 38.03 16.69 -14.26
N PHE A 235 37.49 16.55 -15.46
CA PHE A 235 38.25 16.44 -16.70
C PHE A 235 37.76 17.50 -17.70
N LYS A 236 38.39 17.54 -18.88
CA LYS A 236 38.02 18.43 -19.98
C LYS A 236 38.26 17.75 -21.32
N LYS A 237 37.30 17.88 -22.24
CA LYS A 237 37.47 17.54 -23.65
C LYS A 237 37.24 18.82 -24.45
N GLY A 238 38.31 19.36 -25.01
CA GLY A 238 38.26 20.77 -25.34
C GLY A 238 38.16 21.54 -24.04
N ASN A 239 37.38 22.62 -24.06
CA ASN A 239 37.14 23.37 -22.84
C ASN A 239 35.78 23.05 -22.24
N LYS A 240 35.18 21.94 -22.65
CA LYS A 240 33.99 21.40 -22.00
C LYS A 240 34.40 20.59 -20.77
N LYS A 241 33.97 21.03 -19.59
CA LYS A 241 34.27 20.32 -18.36
C LYS A 241 33.25 19.21 -18.10
N PHE A 242 33.67 18.21 -17.31
CA PHE A 242 32.81 17.12 -16.90
C PHE A 242 33.49 16.36 -15.76
N GLN A 243 32.73 15.45 -15.15
CA GLN A 243 33.17 14.74 -13.97
C GLN A 243 33.22 13.25 -14.24
N ALA A 244 34.22 12.59 -13.68
CA ALA A 244 34.33 11.13 -13.74
C ALA A 244 34.84 10.63 -12.40
N ASN A 245 34.35 9.47 -11.98
CA ASN A 245 34.68 8.96 -10.65
C ASN A 245 35.69 7.83 -10.76
N PHE A 246 36.67 7.85 -9.86
CA PHE A 246 37.63 6.76 -9.78
C PHE A 246 36.89 5.44 -9.67
N TYR A 247 37.32 4.45 -10.46
CA TYR A 247 36.78 3.10 -10.37
C TYR A 247 37.75 2.08 -9.79
N GLY A 248 39.00 2.06 -10.23
CA GLY A 248 39.90 1.03 -9.76
C GLY A 248 41.24 1.11 -10.46
N LEU A 249 42.09 0.16 -10.10
CA LEU A 249 43.46 0.07 -10.59
C LEU A 249 43.65 -1.25 -11.33
N ASP A 250 44.33 -1.18 -12.47
CA ASP A 250 44.81 -2.38 -13.16
C ASP A 250 43.66 -3.31 -13.49
N ASN A 251 42.57 -2.74 -13.99
CA ASN A 251 41.45 -3.47 -14.55
C ASN A 251 40.71 -4.30 -13.51
N LYS A 252 40.69 -3.84 -12.26
CA LYS A 252 39.68 -4.32 -11.32
C LYS A 252 39.11 -3.14 -10.54
N LYS A 253 37.93 -3.36 -9.95
CA LYS A 253 37.37 -2.41 -9.00
C LYS A 253 38.22 -2.42 -7.74
N THR A 254 38.52 -1.23 -7.21
CA THR A 254 39.45 -1.09 -6.10
C THR A 254 38.72 -0.47 -4.93
N LYS A 255 38.81 -1.10 -3.77
CA LYS A 255 38.19 -0.53 -2.59
C LYS A 255 39.25 0.25 -1.83
N LEU A 256 38.94 1.50 -1.53
CA LEU A 256 39.85 2.42 -0.86
C LEU A 256 39.43 2.52 0.60
N LYS A 257 40.21 1.91 1.49
CA LYS A 257 39.79 1.79 2.88
C LYS A 257 40.36 2.88 3.78
N SER A 258 41.28 3.69 3.29
CA SER A 258 41.96 4.65 4.13
C SER A 258 42.46 5.79 3.27
N ASN A 259 42.97 6.83 3.94
CA ASN A 259 43.60 7.93 3.22
C ASN A 259 44.86 7.48 2.50
N ASP A 260 45.56 6.46 3.04
CA ASP A 260 46.76 5.95 2.37
C ASP A 260 46.42 5.27 1.06
N ASP A 261 45.33 4.50 1.02
CA ASP A 261 44.92 3.91 -0.24
C ASP A 261 44.62 5.00 -1.28
N VAL A 262 44.07 6.13 -0.85
CA VAL A 262 43.85 7.23 -1.79
C VAL A 262 45.18 7.73 -2.34
N LYS A 263 46.19 7.87 -1.46
CA LYS A 263 47.51 8.30 -1.88
C LYS A 263 48.07 7.40 -2.98
N LYS A 264 47.98 6.08 -2.79
CA LYS A 264 48.56 5.14 -3.75
C LYS A 264 47.93 5.33 -5.13
N VAL A 265 46.62 5.60 -5.17
CA VAL A 265 45.99 5.94 -6.44
C VAL A 265 46.58 7.25 -6.95
N LEU A 266 46.63 8.25 -6.07
CA LEU A 266 47.07 9.58 -6.50
C LEU A 266 48.48 9.52 -7.05
N THR A 267 49.36 8.77 -6.39
CA THR A 267 50.74 8.72 -6.85
C THR A 267 50.89 8.00 -8.18
N ARG A 268 49.98 7.07 -8.50
CA ARG A 268 50.03 6.44 -9.82
C ARG A 268 49.74 7.44 -10.93
N ILE A 269 49.13 8.57 -10.60
CA ILE A 269 48.69 9.53 -11.61
C ILE A 269 49.86 10.45 -11.90
N LYS A 270 50.50 10.23 -13.05
CA LYS A 270 51.63 11.04 -13.45
C LYS A 270 51.14 12.39 -13.97
N ASN A 271 50.89 12.49 -15.27
CA ASN A 271 50.49 13.76 -15.88
C ASN A 271 48.98 13.90 -15.90
N ASP A 272 48.48 14.86 -16.66
CA ASP A 272 47.05 15.12 -16.75
C ASP A 272 46.39 14.38 -17.90
N ASP A 273 47.14 13.66 -18.72
CA ASP A 273 46.58 13.05 -19.92
C ASP A 273 45.84 11.77 -19.56
N PHE A 274 44.62 11.62 -20.08
CA PHE A 274 43.85 10.41 -19.90
C PHE A 274 43.34 9.90 -21.25
N LEU A 275 43.62 8.64 -21.54
CA LEU A 275 43.16 8.00 -22.76
C LEU A 275 41.69 7.64 -22.64
N VAL A 276 40.93 7.91 -23.70
CA VAL A 276 39.57 7.43 -23.78
C VAL A 276 39.64 5.96 -24.18
N ASP A 277 39.82 5.10 -23.18
CA ASP A 277 40.04 3.68 -23.42
C ASP A 277 38.81 2.99 -23.99
N LYS A 278 37.62 3.53 -23.77
CA LYS A 278 36.37 2.93 -24.24
C LYS A 278 35.26 3.95 -24.20
N VAL A 279 34.32 3.83 -25.13
CA VAL A 279 33.07 4.57 -25.10
C VAL A 279 31.95 3.57 -25.30
N GLU A 280 30.99 3.57 -24.39
CA GLU A 280 29.83 2.70 -24.49
C GLU A 280 28.59 3.57 -24.58
N LYS A 281 27.68 3.20 -25.49
CA LYS A 281 26.43 3.92 -25.69
C LYS A 281 25.29 2.92 -25.70
N LYS A 282 24.13 3.35 -25.22
CA LYS A 282 22.90 2.56 -25.17
C LYS A 282 21.73 3.53 -25.04
N GLU A 283 20.54 3.04 -25.37
CA GLU A 283 19.31 3.73 -25.03
C GLU A 283 18.61 2.92 -23.95
N ARG A 284 18.16 3.60 -22.90
CA ARG A 284 17.63 2.97 -21.71
C ARG A 284 16.15 3.28 -21.61
N LYS A 285 15.32 2.24 -21.59
CA LYS A 285 13.86 2.37 -21.54
C LYS A 285 13.39 2.21 -20.10
N ARG A 286 12.82 3.28 -19.54
CA ARG A 286 12.22 3.28 -18.20
C ARG A 286 10.71 3.24 -18.36
N ASN A 287 10.12 2.04 -18.21
CA ASN A 287 8.67 1.88 -18.35
C ASN A 287 7.91 2.67 -17.29
N ALA A 288 6.59 2.67 -17.43
CA ALA A 288 5.75 3.46 -16.55
C ALA A 288 5.25 2.62 -15.39
N PRO A 289 5.12 3.20 -14.20
CA PRO A 289 4.62 2.43 -13.05
C PRO A 289 3.22 1.90 -13.32
N LEU A 290 2.88 0.85 -12.60
CA LEU A 290 1.52 0.35 -12.64
C LEU A 290 0.62 1.33 -11.91
N PRO A 291 -0.67 1.28 -12.15
CA PRO A 291 -1.60 2.11 -11.37
C PRO A 291 -1.63 1.66 -9.90
N TYR A 292 -1.99 2.60 -9.01
CA TYR A 292 -1.95 2.31 -7.57
C TYR A 292 -2.82 1.10 -7.18
N THR A 293 -2.28 0.24 -6.32
CA THR A 293 -3.06 -0.61 -5.44
C THR A 293 -3.09 0.05 -4.06
N THR A 294 -3.75 -0.60 -3.08
CA THR A 294 -3.73 -0.05 -1.73
C THR A 294 -2.30 0.04 -1.22
N SER A 295 -1.54 -1.04 -1.41
CA SER A 295 -0.14 -1.10 -1.01
C SER A 295 0.68 -0.01 -1.67
N SER A 296 0.60 0.13 -3.00
CA SER A 296 1.49 1.10 -3.60
C SER A 296 1.02 2.52 -3.35
N LEU A 297 -0.29 2.75 -3.24
CA LEU A 297 -0.76 4.08 -2.84
C LEU A 297 -0.22 4.45 -1.47
N GLN A 298 -0.37 3.55 -0.49
CA GLN A 298 0.13 3.81 0.86
C GLN A 298 1.63 4.08 0.86
N GLN A 299 2.39 3.31 0.06
CA GLN A 299 3.85 3.50 -0.03
C GLN A 299 4.19 4.88 -0.60
N ASP A 300 3.59 5.22 -1.75
CA ASP A 300 3.90 6.50 -2.39
C ASP A 300 3.48 7.68 -1.53
N ALA A 301 2.28 7.62 -0.94
CA ALA A 301 1.85 8.72 -0.10
C ALA A 301 2.82 8.94 1.05
N ALA A 302 3.26 7.86 1.70
CA ALA A 302 4.17 8.03 2.82
C ALA A 302 5.54 8.56 2.35
N ASN A 303 6.03 8.05 1.22
CA ASN A 303 7.33 8.50 0.72
C ASN A 303 7.25 9.93 0.17
N LYS A 304 6.22 10.24 -0.62
CA LYS A 304 6.27 11.48 -1.40
C LYS A 304 5.63 12.66 -0.68
N ILE A 305 4.53 12.45 0.05
CA ILE A 305 3.84 13.56 0.69
C ILE A 305 3.68 13.34 2.19
N ASN A 306 4.51 12.48 2.78
CA ASN A 306 4.63 12.41 4.23
C ASN A 306 3.32 12.06 4.91
N PHE A 307 2.44 11.33 4.22
CA PHE A 307 1.18 10.89 4.80
C PHE A 307 1.41 9.62 5.62
N ARG A 308 1.03 9.67 6.90
CA ARG A 308 0.85 8.42 7.63
C ARG A 308 -0.20 7.55 6.95
N THR A 309 -0.06 6.24 7.09
CA THR A 309 -0.94 5.35 6.32
C THR A 309 -2.39 5.54 6.73
N ARG A 310 -2.65 5.82 8.00
CA ARG A 310 -4.04 6.02 8.42
C ARG A 310 -4.63 7.23 7.70
N LYS A 311 -3.85 8.30 7.60
CA LYS A 311 -4.36 9.49 6.94
C LYS A 311 -4.60 9.23 5.45
N THR A 312 -3.69 8.51 4.81
CA THR A 312 -3.89 8.17 3.40
C THR A 312 -5.24 7.49 3.19
N MET A 313 -5.56 6.53 4.04
CA MET A 313 -6.83 5.83 3.87
C MET A 313 -8.01 6.73 4.23
N MET A 314 -7.85 7.58 5.25
CA MET A 314 -8.93 8.49 5.63
C MET A 314 -9.24 9.44 4.50
N VAL A 315 -8.21 10.05 3.93
CA VAL A 315 -8.39 11.00 2.83
C VAL A 315 -8.89 10.29 1.58
N ALA A 316 -8.35 9.11 1.26
CA ALA A 316 -8.87 8.36 0.11
C ALA A 316 -10.36 8.09 0.26
N GLN A 317 -10.80 7.74 1.47
CA GLN A 317 -12.22 7.49 1.68
C GLN A 317 -13.05 8.73 1.37
N GLN A 318 -12.58 9.91 1.78
CA GLN A 318 -13.28 11.14 1.46
C GLN A 318 -13.37 11.32 -0.04
N LEU A 319 -12.23 11.17 -0.74
CA LEU A 319 -12.23 11.22 -2.19
C LEU A 319 -13.22 10.23 -2.77
N TYR A 320 -13.27 9.03 -2.21
CA TYR A 320 -14.06 7.97 -2.82
C TYR A 320 -15.56 8.20 -2.60
N GLU A 321 -15.97 8.55 -1.37
CA GLU A 321 -17.38 8.56 -1.01
C GLU A 321 -18.13 9.79 -1.52
N GLY A 322 -17.43 10.86 -1.86
CA GLY A 322 -18.07 11.95 -2.58
C GLY A 322 -17.75 13.32 -2.05
N ILE A 323 -17.35 14.23 -2.94
CA ILE A 323 -16.99 15.59 -2.58
C ILE A 323 -17.82 16.57 -3.41
N ARG A 324 -18.22 17.68 -2.79
CA ARG A 324 -19.05 18.67 -3.46
C ARG A 324 -18.23 19.41 -4.50
N LEU A 325 -18.51 19.13 -5.77
CA LEU A 325 -17.88 19.86 -6.88
C LEU A 325 -18.72 21.05 -7.30
N GLY A 326 -19.17 21.83 -6.31
CA GLY A 326 -19.93 23.04 -6.59
C GLY A 326 -21.41 22.76 -6.85
N SER A 327 -21.94 23.36 -7.92
CA SER A 327 -23.34 23.18 -8.28
C SER A 327 -23.60 21.81 -8.87
N ASN A 328 -22.56 21.17 -9.43
CA ASN A 328 -22.61 19.78 -9.88
C ASN A 328 -22.71 18.77 -8.71
N GLY A 329 -22.92 19.25 -7.47
CA GLY A 329 -23.11 18.43 -6.28
C GLY A 329 -21.98 17.45 -6.02
N GLN A 330 -22.27 16.54 -5.08
CA GLN A 330 -21.26 15.61 -4.64
C GLN A 330 -21.00 14.53 -5.70
N GLN A 331 -19.72 14.22 -5.94
CA GLN A 331 -19.36 13.13 -6.84
C GLN A 331 -18.17 12.34 -6.28
N GLY A 332 -18.20 11.02 -6.49
CA GLY A 332 -17.05 10.19 -6.15
C GLY A 332 -15.91 10.42 -7.15
N LEU A 333 -14.73 10.77 -6.65
CA LEU A 333 -13.61 11.20 -7.47
C LEU A 333 -12.58 10.13 -7.78
N ILE A 334 -12.57 8.99 -7.07
CA ILE A 334 -11.61 7.92 -7.30
C ILE A 334 -12.33 6.59 -7.16
N THR A 335 -11.75 5.55 -7.75
CA THR A 335 -12.24 4.20 -7.51
C THR A 335 -11.94 3.76 -6.07
N TYR A 336 -12.50 2.62 -5.69
CA TYR A 336 -12.44 2.17 -4.30
C TYR A 336 -11.00 1.91 -3.88
N MET A 337 -10.66 2.36 -2.65
CA MET A 337 -9.26 2.44 -2.27
C MET A 337 -8.71 1.19 -1.58
N ARG A 338 -9.52 0.14 -1.41
CA ARG A 338 -9.02 -1.13 -0.87
C ARG A 338 -9.02 -2.12 -2.02
N THR A 339 -7.86 -2.31 -2.64
CA THR A 339 -7.77 -3.18 -3.80
C THR A 339 -6.34 -3.68 -3.93
N ASP A 340 -6.21 -4.92 -4.40
CA ASP A 340 -4.93 -5.47 -4.81
C ASP A 340 -4.90 -5.79 -6.31
N SER A 341 -5.75 -5.14 -7.08
CA SER A 341 -5.78 -5.28 -8.53
C SER A 341 -5.13 -4.07 -9.17
N THR A 342 -4.43 -4.29 -10.28
CA THR A 342 -3.93 -3.18 -11.09
C THR A 342 -4.72 -2.98 -12.39
N ARG A 343 -5.80 -3.74 -12.58
CA ARG A 343 -6.56 -3.67 -13.82
C ARG A 343 -7.27 -2.33 -13.97
N ILE A 344 -7.26 -1.80 -15.21
CA ILE A 344 -8.09 -0.67 -15.62
C ILE A 344 -9.17 -1.19 -16.56
N SER A 345 -10.39 -0.67 -16.41
CA SER A 345 -11.50 -1.09 -17.25
C SER A 345 -11.34 -0.52 -18.67
N PRO A 346 -11.90 -1.20 -19.68
CA PRO A 346 -11.74 -0.71 -21.06
C PRO A 346 -12.16 0.74 -21.23
N VAL A 347 -13.32 1.11 -20.68
CA VAL A 347 -13.82 2.47 -20.84
C VAL A 347 -12.87 3.47 -20.19
N ALA A 348 -12.38 3.15 -18.99
CA ALA A 348 -11.41 4.02 -18.34
C ALA A 348 -10.13 4.13 -19.16
N GLN A 349 -9.70 3.03 -19.79
CA GLN A 349 -8.51 3.07 -20.65
C GLN A 349 -8.69 4.04 -21.80
N ASN A 350 -9.84 3.94 -22.50
CA ASN A 350 -10.06 4.77 -23.69
C ASN A 350 -10.04 6.25 -23.34
N ASP A 351 -10.72 6.62 -22.24
CA ASP A 351 -10.82 8.03 -21.89
C ASP A 351 -9.47 8.63 -21.53
N ALA A 352 -8.57 7.82 -20.97
CA ALA A 352 -7.24 8.33 -20.65
C ALA A 352 -6.41 8.51 -21.92
N ALA A 353 -6.46 7.51 -22.82
CA ALA A 353 -5.78 7.65 -24.11
C ALA A 353 -6.18 8.95 -24.78
N ASN A 354 -7.47 9.28 -24.76
CA ASN A 354 -7.92 10.52 -25.38
C ASN A 354 -7.36 11.72 -24.66
N TYR A 355 -7.38 11.71 -23.32
CA TYR A 355 -6.76 12.80 -22.59
C TYR A 355 -5.28 12.93 -22.95
N ILE A 356 -4.60 11.79 -23.09
CA ILE A 356 -3.17 11.81 -23.35
C ILE A 356 -2.90 12.25 -24.79
N THR A 357 -3.53 11.58 -25.76
CA THR A 357 -3.39 11.95 -27.16
C THR A 357 -3.62 13.45 -27.33
N GLU A 358 -4.69 13.97 -26.72
CA GLU A 358 -5.01 15.39 -26.87
C GLU A 358 -4.05 16.29 -26.10
N HIS A 359 -3.53 15.85 -24.97
CA HIS A 359 -2.75 16.77 -24.17
C HIS A 359 -1.23 16.57 -24.29
N PHE A 360 -0.78 15.44 -24.84
CA PHE A 360 0.65 15.22 -24.95
C PHE A 360 1.04 14.86 -26.36
N GLY A 361 0.18 14.09 -27.03
CA GLY A 361 0.42 13.57 -28.35
C GLY A 361 0.06 12.10 -28.34
N ALA A 362 -0.52 11.57 -29.42
CA ALA A 362 -0.88 10.16 -29.46
C ALA A 362 0.32 9.25 -29.29
N GLU A 363 1.53 9.81 -29.33
CA GLU A 363 2.79 9.10 -29.11
C GLU A 363 2.98 8.67 -27.66
N TYR A 364 2.08 9.08 -26.76
CA TYR A 364 2.26 8.85 -25.34
C TYR A 364 1.21 7.89 -24.77
N SER A 365 0.58 7.06 -25.60
CA SER A 365 -0.54 6.23 -25.15
C SER A 365 -0.22 4.76 -25.35
N LYS A 366 -1.10 3.91 -24.80
CA LYS A 366 -0.88 2.47 -24.67
C LYS A 366 0.38 2.21 -23.85
N ALA A 380 -12.63 -8.67 -11.78
CA ALA A 380 -13.69 -7.66 -11.86
C ALA A 380 -13.38 -6.39 -11.06
N HIS A 381 -12.32 -6.43 -10.24
CA HIS A 381 -11.91 -5.24 -9.49
C HIS A 381 -10.96 -4.39 -10.33
N GLU A 382 -10.59 -3.23 -9.79
CA GLU A 382 -9.80 -2.25 -10.52
C GLU A 382 -8.74 -1.65 -9.60
N ALA A 383 -7.78 -0.97 -10.20
CA ALA A 383 -6.79 -0.21 -9.44
C ALA A 383 -7.45 1.04 -8.85
N ILE A 384 -6.65 1.90 -8.20
CA ILE A 384 -7.12 3.17 -7.65
C ILE A 384 -6.78 4.25 -8.68
N ARG A 385 -7.80 4.86 -9.27
CA ARG A 385 -7.68 5.81 -10.38
C ARG A 385 -8.70 6.90 -10.22
N PRO A 386 -8.52 8.05 -10.88
CA PRO A 386 -9.60 9.02 -10.95
C PRO A 386 -10.84 8.38 -11.57
N SER A 387 -12.01 8.76 -11.08
CA SER A 387 -13.22 8.25 -11.73
C SER A 387 -13.44 8.95 -13.08
N ASN A 388 -12.98 10.20 -13.20
CA ASN A 388 -13.05 10.97 -14.45
C ASN A 388 -11.69 11.65 -14.64
N VAL A 389 -10.90 11.17 -15.61
CA VAL A 389 -9.58 11.76 -15.84
C VAL A 389 -9.68 13.22 -16.22
N ASN A 390 -10.81 13.65 -16.80
CA ASN A 390 -10.92 15.06 -17.17
C ASN A 390 -11.07 15.96 -15.96
N HIS A 391 -11.34 15.40 -14.77
CA HIS A 391 -11.23 16.15 -13.51
C HIS A 391 -9.74 16.27 -13.17
N THR A 392 -9.05 17.11 -13.94
CA THR A 392 -7.65 17.35 -13.66
C THR A 392 -7.50 17.85 -12.21
N PRO A 393 -6.37 17.57 -11.57
CA PRO A 393 -6.12 18.20 -10.26
C PRO A 393 -6.30 19.70 -10.28
N GLU A 394 -5.81 20.35 -11.35
CA GLU A 394 -5.94 21.80 -11.47
C GLU A 394 -7.40 22.23 -11.44
N SER A 395 -8.26 21.57 -12.22
CA SER A 395 -9.64 22.02 -12.35
C SER A 395 -10.38 21.97 -11.01
N ILE A 396 -10.32 20.82 -10.31
CA ILE A 396 -11.11 20.67 -9.09
C ILE A 396 -10.39 21.16 -7.84
N ALA A 397 -9.20 21.74 -8.00
CA ALA A 397 -8.43 22.19 -6.83
C ALA A 397 -9.27 23.04 -5.90
N LYS A 398 -10.11 23.90 -6.45
CA LYS A 398 -10.87 24.80 -5.61
C LYS A 398 -11.88 24.09 -4.72
N TYR A 399 -12.28 22.86 -5.08
CA TYR A 399 -13.25 22.12 -4.27
C TYR A 399 -12.63 21.20 -3.21
N LEU A 400 -11.29 21.07 -3.16
CA LEU A 400 -10.61 20.14 -2.27
C LEU A 400 -9.80 20.89 -1.22
N ASP A 401 -9.73 20.34 0.00
CA ASP A 401 -8.77 20.85 0.97
C ASP A 401 -7.36 20.41 0.57
N LYS A 402 -6.35 20.90 1.31
CA LYS A 402 -4.98 20.69 0.87
C LYS A 402 -4.62 19.20 0.84
N ASP A 403 -5.07 18.45 1.84
CA ASP A 403 -4.72 17.04 1.91
C ASP A 403 -5.40 16.25 0.80
N GLN A 404 -6.69 16.49 0.58
CA GLN A 404 -7.37 15.82 -0.53
C GLN A 404 -6.74 16.20 -1.86
N LEU A 405 -6.24 17.42 -1.96
CA LEU A 405 -5.59 17.84 -3.19
C LEU A 405 -4.31 17.05 -3.42
N LYS A 406 -3.51 16.87 -2.36
CA LYS A 406 -2.27 16.10 -2.52
C LYS A 406 -2.57 14.67 -2.93
N LEU A 407 -3.42 13.98 -2.18
CA LEU A 407 -3.66 12.58 -2.49
C LEU A 407 -4.27 12.42 -3.88
N TYR A 408 -5.23 13.30 -4.23
CA TYR A 408 -5.81 13.21 -5.57
C TYR A 408 -4.76 13.49 -6.64
N THR A 409 -3.93 14.53 -6.43
CA THR A 409 -2.86 14.79 -7.37
C THR A 409 -1.97 13.56 -7.52
N LEU A 410 -1.65 12.88 -6.42
CA LEU A 410 -0.81 11.69 -6.48
C LEU A 410 -1.49 10.62 -7.31
N ILE A 411 -2.78 10.40 -7.07
CA ILE A 411 -3.52 9.34 -7.74
C ILE A 411 -3.75 9.68 -9.21
N TRP A 412 -3.99 10.96 -9.51
CA TRP A 412 -4.19 11.36 -10.90
C TRP A 412 -2.90 11.17 -11.70
N ASN A 413 -1.80 11.77 -11.23
CA ASN A 413 -0.51 11.62 -11.89
C ASN A 413 -0.16 10.15 -12.12
N ARG A 414 -0.29 9.33 -11.09
CA ARG A 414 0.12 7.94 -11.24
C ARG A 414 -0.75 7.21 -12.27
N PHE A 415 -2.06 7.45 -12.26
CA PHE A 415 -2.92 6.72 -13.18
C PHE A 415 -2.68 7.17 -14.61
N VAL A 416 -2.48 8.47 -14.83
CA VAL A 416 -2.21 8.95 -16.18
C VAL A 416 -0.88 8.41 -16.68
N ALA A 417 0.20 8.67 -15.92
CA ALA A 417 1.51 8.06 -16.20
C ALA A 417 1.38 6.59 -16.58
N SER A 418 0.65 5.81 -15.77
CA SER A 418 0.52 4.39 -16.05
C SER A 418 -0.12 4.09 -17.39
N GLN A 419 -0.81 5.07 -18.00
CA GLN A 419 -1.42 4.90 -19.31
C GLN A 419 -0.56 5.48 -20.44
N MET A 420 0.72 5.70 -20.18
CA MET A 420 1.60 6.35 -21.14
C MET A 420 2.74 5.41 -21.55
N THR A 421 3.54 5.90 -22.50
CA THR A 421 4.62 5.11 -23.09
C THR A 421 5.92 5.32 -22.32
N ALA A 422 6.84 4.39 -22.55
CA ALA A 422 8.10 4.39 -21.81
C ALA A 422 8.90 5.65 -22.10
N ALA A 423 9.54 6.18 -21.06
CA ALA A 423 10.59 7.14 -21.29
C ALA A 423 11.78 6.44 -21.93
N VAL A 424 12.66 7.23 -22.54
CA VAL A 424 13.86 6.71 -23.19
C VAL A 424 15.02 7.66 -22.93
N PHE A 425 16.18 7.10 -22.61
CA PHE A 425 17.36 7.86 -22.25
C PHE A 425 18.50 7.52 -23.18
N ASP A 426 19.45 8.43 -23.28
CA ASP A 426 20.65 8.23 -24.08
C ASP A 426 21.82 8.09 -23.12
N THR A 427 22.32 6.87 -22.97
CA THR A 427 23.42 6.68 -22.05
C THR A 427 24.77 6.82 -22.77
N VAL A 428 25.78 7.20 -22.00
CA VAL A 428 27.16 7.08 -22.43
C VAL A 428 28.02 6.75 -21.22
N LYS A 429 28.71 5.61 -21.26
CA LYS A 429 29.73 5.27 -20.27
C LYS A 429 31.10 5.40 -20.92
N VAL A 430 31.99 6.16 -20.31
CA VAL A 430 33.31 6.48 -20.87
C VAL A 430 34.40 6.08 -19.88
N ASN A 431 35.31 5.18 -20.31
CA ASN A 431 36.48 4.81 -19.50
C ASN A 431 37.65 5.73 -19.84
N LEU A 432 38.19 6.43 -18.81
CA LEU A 432 39.39 7.26 -18.93
C LEU A 432 40.50 6.60 -18.11
N THR A 433 41.55 6.13 -18.78
CA THR A 433 42.63 5.43 -18.11
C THR A 433 43.94 6.18 -18.27
N GLN A 434 44.72 6.23 -17.20
CA GLN A 434 46.15 6.55 -17.29
C GLN A 434 46.93 5.64 -16.34
N ASN A 435 47.97 4.98 -16.85
CA ASN A 435 48.91 4.28 -15.99
C ASN A 435 48.20 3.25 -15.11
N GLY A 436 47.14 2.65 -15.64
CA GLY A 436 46.38 1.65 -14.91
C GLY A 436 45.28 2.21 -14.04
N VAL A 437 45.24 3.52 -13.83
CA VAL A 437 44.19 4.17 -13.06
C VAL A 437 42.98 4.37 -13.96
N LEU A 438 41.79 3.97 -13.50
CA LEU A 438 40.57 4.05 -14.30
C LEU A 438 39.55 4.97 -13.62
N PHE A 439 39.16 6.02 -14.34
CA PHE A 439 38.00 6.84 -14.00
C PHE A 439 36.90 6.52 -14.99
N ILE A 440 35.65 6.54 -14.51
CA ILE A 440 34.47 6.27 -15.32
C ILE A 440 33.63 7.54 -15.32
N ALA A 441 33.33 8.03 -16.51
CA ALA A 441 32.37 9.12 -16.68
C ALA A 441 31.04 8.56 -17.14
N ASN A 442 29.97 9.16 -16.64
CA ASN A 442 28.63 8.76 -17.04
C ASN A 442 27.84 9.99 -17.47
N GLY A 443 27.05 9.82 -18.52
CA GLY A 443 26.24 10.91 -19.04
C GLY A 443 24.88 10.38 -19.47
N SER A 444 23.88 11.25 -19.34
CA SER A 444 22.50 10.87 -19.59
C SER A 444 21.69 12.08 -20.04
N GLN A 445 20.80 11.86 -20.99
CA GLN A 445 19.78 12.84 -21.35
C GLN A 445 18.61 12.10 -21.96
N ILE A 446 17.44 12.73 -21.92
CA ILE A 446 16.20 12.06 -22.30
C ILE A 446 15.97 12.26 -23.79
N LYS A 447 15.67 11.15 -24.47
CA LYS A 447 15.28 11.16 -25.88
C LYS A 447 13.77 11.20 -26.08
N PHE A 448 13.00 10.78 -25.07
CA PHE A 448 11.55 10.83 -25.09
C PHE A 448 11.06 10.86 -23.65
N LYS A 449 10.32 11.91 -23.27
CA LYS A 449 9.87 12.03 -21.89
C LYS A 449 8.91 10.90 -21.50
N GLY A 450 8.12 10.41 -22.44
CA GLY A 450 7.22 9.31 -22.13
C GLY A 450 6.28 9.65 -20.99
N TYR A 451 5.97 8.66 -20.17
CA TYR A 451 5.15 8.88 -18.98
C TYR A 451 5.70 9.98 -18.08
N MET A 452 7.01 10.24 -18.12
CA MET A 452 7.56 11.30 -17.29
C MET A 452 7.05 12.68 -17.70
N ALA A 453 6.21 12.74 -18.74
CA ALA A 453 5.60 14.00 -19.14
C ALA A 453 4.83 14.64 -17.98
N VAL A 454 4.15 13.85 -17.15
CA VAL A 454 3.34 14.43 -16.07
C VAL A 454 4.15 15.00 -14.91
N TYR A 455 5.45 14.71 -14.84
CA TYR A 455 6.24 15.17 -13.69
C TYR A 455 7.32 16.20 -14.10
N THR A 461 19.83 14.98 -15.01
CA THR A 461 20.59 14.36 -16.10
C THR A 461 21.57 15.35 -16.76
N LYS A 462 22.86 15.01 -16.74
CA LYS A 462 23.90 15.75 -17.44
C LYS A 462 24.45 14.91 -18.58
N VAL A 463 24.87 15.58 -19.65
CA VAL A 463 25.42 14.89 -20.81
C VAL A 463 26.93 15.12 -20.84
N LEU A 464 27.61 14.19 -21.48
CA LEU A 464 29.05 14.20 -21.53
C LEU A 464 29.54 14.87 -22.81
N PRO A 465 30.61 15.63 -22.72
CA PRO A 465 31.34 16.05 -23.92
C PRO A 465 31.61 14.86 -24.83
N GLU A 466 31.69 15.13 -26.13
CA GLU A 466 31.78 14.06 -27.11
C GLU A 466 33.18 13.45 -27.11
N MET A 467 33.22 12.12 -27.26
CA MET A 467 34.45 11.33 -27.16
C MET A 467 34.34 10.04 -27.95
N ILE A 468 35.50 9.59 -28.46
CA ILE A 468 35.63 8.27 -29.07
C ILE A 468 36.96 7.66 -28.63
N LYS A 469 37.05 6.33 -28.76
CA LYS A 469 38.23 5.60 -28.34
C LYS A 469 39.48 6.19 -28.97
N GLY A 470 40.49 6.44 -28.13
CA GLY A 470 41.76 6.95 -28.58
C GLY A 470 41.98 8.44 -28.35
N GLU A 471 40.93 9.22 -28.18
CA GLU A 471 41.10 10.64 -27.87
C GLU A 471 41.79 10.79 -26.51
N THR A 472 42.12 12.04 -26.16
CA THR A 472 42.74 12.35 -24.88
C THR A 472 42.01 13.50 -24.22
N VAL A 473 41.85 13.40 -22.88
CA VAL A 473 41.27 14.45 -22.06
C VAL A 473 42.28 14.82 -20.98
N LYS A 474 42.06 15.97 -20.36
CA LYS A 474 42.99 16.51 -19.38
C LYS A 474 42.37 16.49 -17.98
N LYS A 475 43.16 16.10 -16.99
CA LYS A 475 42.71 16.01 -15.61
C LYS A 475 42.92 17.36 -14.93
N ILE A 476 41.83 17.95 -14.46
CA ILE A 476 41.91 19.23 -13.77
C ILE A 476 42.25 19.02 -12.31
N SER A 477 41.54 18.12 -11.65
CA SER A 477 41.63 17.93 -10.21
C SER A 477 40.93 16.64 -9.83
N ALA A 478 41.29 16.14 -8.66
CA ALA A 478 40.63 14.99 -8.04
C ALA A 478 40.27 15.37 -6.61
N ASN A 479 39.10 14.92 -6.17
CA ASN A 479 38.63 15.20 -4.82
C ASN A 479 38.37 13.91 -4.06
N PRO A 480 39.28 13.46 -3.22
CA PRO A 480 39.00 12.31 -2.37
C PRO A 480 37.93 12.66 -1.34
N GLU A 481 37.18 11.66 -0.94
CA GLU A 481 36.07 11.89 -0.03
C GLU A 481 35.95 10.68 0.89
N GLN A 482 35.77 10.95 2.17
CA GLN A 482 35.67 9.92 3.20
C GLN A 482 34.21 9.56 3.44
N HIS A 483 33.94 8.26 3.51
CA HIS A 483 32.60 7.78 3.81
C HIS A 483 32.71 6.71 4.89
N PHE A 484 31.54 6.34 5.43
CA PHE A 484 31.39 5.20 6.31
C PHE A 484 30.18 4.37 5.87
N THR A 485 30.33 3.04 5.91
CA THR A 485 29.22 2.15 5.57
C THR A 485 28.07 2.30 6.57
N GLN A 486 26.88 1.94 6.14
CA GLN A 486 25.74 2.05 7.04
C GLN A 486 25.03 0.72 7.14
N PRO A 487 24.38 0.46 8.27
CA PRO A 487 23.61 -0.78 8.44
C PRO A 487 22.41 -0.80 7.51
N PRO A 488 21.72 -1.94 7.38
CA PRO A 488 20.43 -1.94 6.69
C PRO A 488 19.51 -0.88 7.26
N ALA A 489 18.76 -0.21 6.38
CA ALA A 489 17.79 0.79 6.81
C ALA A 489 16.67 0.18 7.65
N ARG A 490 16.21 0.97 8.62
CA ARG A 490 15.00 0.63 9.33
C ARG A 490 13.82 0.60 8.36
N TYR A 491 12.78 -0.14 8.73
CA TYR A 491 11.53 -0.12 8.00
C TYR A 491 10.87 1.26 8.10
N SER A 492 10.60 1.86 6.94
CA SER A 492 9.66 2.96 6.90
C SER A 492 8.24 2.39 6.78
N GLU A 493 7.22 3.25 6.78
CA GLU A 493 5.88 2.74 6.51
C GLU A 493 5.83 2.14 5.12
N ALA A 494 6.40 2.83 4.14
CA ALA A 494 6.52 2.29 2.77
C ALA A 494 7.11 0.90 2.75
N SER A 495 8.34 0.74 3.24
CA SER A 495 9.01 -0.54 3.07
C SER A 495 8.39 -1.63 3.93
N LEU A 496 7.82 -1.27 5.09
CA LEU A 496 7.06 -2.26 5.85
C LEU A 496 5.87 -2.75 5.04
N ILE A 497 5.09 -1.84 4.47
CA ILE A 497 3.98 -2.24 3.61
C ILE A 497 4.49 -3.13 2.48
N LYS A 498 5.54 -2.66 1.76
CA LYS A 498 6.07 -3.43 0.65
C LYS A 498 6.53 -4.82 1.10
N THR A 499 7.20 -4.90 2.25
CA THR A 499 7.60 -6.20 2.77
C THR A 499 6.41 -7.08 3.08
N LEU A 500 5.37 -6.51 3.71
CA LEU A 500 4.20 -7.31 4.08
C LEU A 500 3.46 -7.80 2.83
N GLU A 501 3.43 -6.98 1.78
CA GLU A 501 2.81 -7.42 0.54
C GLU A 501 3.62 -8.54 -0.09
N GLU A 502 4.93 -8.33 -0.26
CA GLU A 502 5.74 -9.29 -1.00
C GLU A 502 5.84 -10.63 -0.31
N ASN A 503 5.87 -10.67 1.03
CA ASN A 503 5.98 -11.94 1.72
C ASN A 503 4.64 -12.63 1.95
N GLY A 504 3.55 -12.09 1.38
CA GLY A 504 2.26 -12.75 1.41
C GLY A 504 1.43 -12.51 2.65
N VAL A 505 1.89 -11.66 3.56
CA VAL A 505 1.25 -11.53 4.87
C VAL A 505 0.16 -10.47 4.87
N GLY A 506 0.37 -9.34 4.21
CA GLY A 506 -0.61 -8.28 4.24
C GLY A 506 -1.68 -8.41 3.16
N ARG A 507 -2.81 -7.72 3.40
CA ARG A 507 -3.91 -7.60 2.44
C ARG A 507 -4.41 -6.17 2.47
N PRO A 508 -5.24 -5.75 1.50
CA PRO A 508 -5.66 -4.33 1.48
C PRO A 508 -6.36 -3.90 2.73
N SER A 509 -7.11 -4.78 3.38
CA SER A 509 -7.77 -4.41 4.61
C SER A 509 -6.80 -4.32 5.77
N THR A 510 -5.64 -4.98 5.71
CA THR A 510 -4.83 -5.12 6.91
C THR A 510 -3.58 -4.25 6.95
N TYR A 511 -3.17 -3.67 5.83
CA TYR A 511 -1.96 -2.83 5.81
C TYR A 511 -2.04 -1.70 6.84
N ALA A 512 -3.00 -0.77 6.68
CA ALA A 512 -3.05 0.41 7.53
C ALA A 512 -3.36 0.08 8.99
N PRO A 513 -4.33 -0.78 9.30
CA PRO A 513 -4.59 -1.10 10.71
C PRO A 513 -3.41 -1.76 11.42
N THR A 514 -2.62 -2.58 10.73
CA THR A 514 -1.44 -3.19 11.35
C THR A 514 -0.47 -2.11 11.81
N LEU A 515 -0.15 -1.16 10.93
CA LEU A 515 0.76 -0.09 11.31
C LEU A 515 0.13 0.86 12.32
N GLU A 516 -1.21 0.90 12.40
CA GLU A 516 -1.84 1.69 13.44
C GLU A 516 -1.74 1.00 14.80
N THR A 517 -2.16 -0.26 14.90
CA THR A 517 -2.21 -0.89 16.21
C THR A 517 -0.83 -1.08 16.79
N ILE A 518 0.17 -1.36 15.95
CA ILE A 518 1.52 -1.51 16.49
C ILE A 518 1.97 -0.21 17.18
N GLN A 519 1.54 0.95 16.68
CA GLN A 519 1.87 2.21 17.35
C GLN A 519 0.90 2.53 18.50
N LYS A 520 -0.38 2.22 18.35
CA LYS A 520 -1.32 2.43 19.45
C LYS A 520 -0.92 1.60 20.66
N ARG A 521 -0.35 0.42 20.42
CA ARG A 521 0.06 -0.45 21.51
C ARG A 521 1.40 -0.05 22.11
N TYR A 522 2.07 0.97 21.55
CA TYR A 522 3.32 1.50 22.09
C TYR A 522 4.45 0.47 22.00
N TYR A 523 4.36 -0.48 21.06
CA TYR A 523 5.39 -1.47 20.83
C TYR A 523 6.52 -0.97 19.94
N VAL A 524 6.26 0.10 19.17
CA VAL A 524 7.23 0.76 18.30
C VAL A 524 7.02 2.25 18.42
N ARG A 525 8.03 3.00 18.01
CA ARG A 525 7.92 4.44 17.78
C ARG A 525 8.32 4.70 16.34
N LEU A 526 8.03 5.90 15.83
CA LEU A 526 8.25 6.19 14.42
C LEU A 526 9.04 7.49 14.37
N VAL A 527 10.35 7.41 14.17
CA VAL A 527 11.16 8.62 14.15
C VAL A 527 12.01 8.66 12.89
N SER A 528 12.22 9.87 12.39
CA SER A 528 12.85 10.11 11.10
C SER A 528 12.22 9.19 10.05
N LYS A 529 10.91 8.98 10.20
CA LYS A 529 10.03 8.27 9.29
C LYS A 529 10.27 6.77 9.26
N ARG A 530 10.88 6.20 10.31
CA ARG A 530 11.14 4.77 10.35
C ARG A 530 10.76 4.22 11.71
N PHE A 531 10.39 2.95 11.73
CA PHE A 531 9.97 2.30 12.96
C PHE A 531 11.16 1.84 13.79
N GLU A 532 11.06 2.04 15.10
CA GLU A 532 12.00 1.49 16.06
C GLU A 532 11.22 0.77 17.14
N PRO A 533 11.70 -0.39 17.59
CA PRO A 533 11.00 -1.11 18.66
C PRO A 533 11.15 -0.37 19.98
N THR A 534 10.09 -0.40 20.80
CA THR A 534 10.22 0.10 22.15
C THR A 534 10.60 -1.04 23.08
N GLU A 535 10.97 -0.69 24.31
CA GLU A 535 11.28 -1.69 25.31
C GLU A 535 10.09 -2.59 25.58
N LEU A 536 8.89 -2.02 25.64
CA LEU A 536 7.69 -2.83 25.84
C LEU A 536 7.46 -3.75 24.65
N GLY A 537 7.68 -3.26 23.44
CA GLY A 537 7.56 -4.12 22.27
C GLY A 537 8.52 -5.28 22.30
N GLU A 538 9.75 -5.05 22.76
CA GLU A 538 10.70 -6.16 22.87
C GLU A 538 10.20 -7.20 23.88
N ILE A 539 9.68 -6.73 25.03
CA ILE A 539 9.13 -7.65 26.03
C ILE A 539 8.03 -8.50 25.43
N VAL A 540 7.06 -7.84 24.80
CA VAL A 540 5.89 -8.55 24.30
C VAL A 540 6.33 -9.54 23.22
N ASN A 541 7.16 -9.08 22.28
CA ASN A 541 7.65 -9.96 21.21
C ASN A 541 8.32 -11.20 21.78
N SER A 542 9.08 -11.06 22.86
CA SER A 542 9.76 -12.22 23.43
C SER A 542 8.78 -13.19 24.05
N LEU A 543 7.78 -12.69 24.75
CA LEU A 543 6.75 -13.58 25.30
C LEU A 543 6.07 -14.37 24.21
N ILE A 544 5.61 -13.69 23.16
CA ILE A 544 4.88 -14.38 22.11
C ILE A 544 5.78 -15.33 21.36
N ILE A 545 7.04 -14.96 21.12
CA ILE A 545 7.98 -15.94 20.55
C ILE A 545 8.07 -17.15 21.47
N GLU A 546 8.09 -16.93 22.78
CA GLU A 546 8.30 -18.05 23.70
C GLU A 546 7.09 -18.99 23.72
N PHE A 547 5.87 -18.44 23.80
CA PHE A 547 4.67 -19.23 24.02
C PHE A 547 3.82 -19.45 22.77
N PHE A 548 3.87 -18.56 21.78
CA PHE A 548 3.04 -18.64 20.58
C PHE A 548 3.86 -18.39 19.31
N PRO A 549 4.92 -19.18 19.09
CA PRO A 549 5.87 -18.87 18.01
C PRO A 549 5.26 -18.73 16.63
N ASP A 550 4.18 -19.47 16.35
CA ASP A 550 3.60 -19.41 15.01
C ASP A 550 2.94 -18.08 14.71
N ILE A 551 2.54 -17.30 15.72
CA ILE A 551 1.83 -16.08 15.35
C ILE A 551 2.80 -14.93 15.03
N VAL A 552 4.10 -15.10 15.27
CA VAL A 552 5.07 -14.17 14.71
C VAL A 552 5.65 -14.67 13.39
N ASP A 553 5.29 -15.88 12.96
CA ASP A 553 5.92 -16.55 11.82
C ASP A 553 5.36 -16.04 10.50
N VAL A 554 6.25 -15.61 9.60
CA VAL A 554 5.80 -15.03 8.34
C VAL A 554 5.07 -16.06 7.50
N LYS A 555 5.65 -17.26 7.39
CA LYS A 555 5.12 -18.23 6.44
C LYS A 555 3.77 -18.77 6.88
N PHE A 556 3.66 -19.14 8.16
CA PHE A 556 2.39 -19.60 8.72
C PHE A 556 1.30 -18.53 8.55
N THR A 557 1.66 -17.25 8.63
CA THR A 557 0.66 -16.19 8.56
C THR A 557 0.25 -15.92 7.11
N ALA A 558 1.20 -15.97 6.17
CA ALA A 558 0.84 -15.89 4.75
C ALA A 558 0.03 -17.09 4.32
N GLU A 559 0.34 -18.26 4.89
CA GLU A 559 -0.47 -19.45 4.67
C GLU A 559 -1.90 -19.22 5.11
N MET A 560 -2.08 -18.73 6.35
CA MET A 560 -3.43 -18.43 6.84
C MET A 560 -4.17 -17.49 5.92
N GLU A 561 -3.49 -16.43 5.42
CA GLU A 561 -4.16 -15.49 4.54
C GLU A 561 -4.56 -16.15 3.24
N SER A 562 -3.76 -17.10 2.77
CA SER A 562 -4.10 -17.83 1.56
C SER A 562 -5.30 -18.75 1.80
N LYS A 563 -5.39 -19.37 2.98
CA LYS A 563 -6.59 -20.13 3.31
C LYS A 563 -7.82 -19.22 3.37
N LEU A 564 -7.68 -18.01 3.90
CA LEU A 564 -8.78 -17.05 3.86
C LEU A 564 -9.17 -16.74 2.42
N ASP A 565 -8.16 -16.56 1.55
CA ASP A 565 -8.41 -16.38 0.12
C ASP A 565 -9.21 -17.56 -0.47
N GLU A 566 -8.92 -18.79 -0.03
CA GLU A 566 -9.62 -19.96 -0.56
C GLU A 566 -11.05 -20.00 -0.06
N VAL A 567 -11.27 -19.62 1.21
CA VAL A 567 -12.63 -19.48 1.72
C VAL A 567 -13.44 -18.53 0.84
N GLU A 568 -12.84 -17.39 0.51
CA GLU A 568 -13.55 -16.39 -0.28
C GLU A 568 -14.04 -16.95 -1.62
N ILE A 569 -13.26 -17.87 -2.21
CA ILE A 569 -13.59 -18.49 -3.48
C ILE A 569 -14.44 -19.74 -3.31
N GLY A 570 -14.71 -20.16 -2.08
CA GLY A 570 -15.48 -21.37 -1.86
C GLY A 570 -14.68 -22.66 -1.98
N LYS A 571 -13.36 -22.57 -2.02
CA LYS A 571 -12.50 -23.75 -2.07
C LYS A 571 -12.33 -24.40 -0.72
N GLU A 572 -12.48 -23.66 0.37
CA GLU A 572 -12.26 -24.19 1.69
C GLU A 572 -13.37 -23.69 2.61
N GLU A 573 -13.73 -24.53 3.58
CA GLU A 573 -14.80 -24.23 4.52
C GLU A 573 -14.22 -23.41 5.66
N TRP A 574 -14.81 -22.24 5.94
CA TRP A 574 -14.19 -21.35 6.93
C TRP A 574 -13.98 -22.05 8.27
N GLN A 575 -14.94 -22.86 8.72
CA GLN A 575 -14.76 -23.50 10.02
C GLN A 575 -13.56 -24.42 10.04
N LYS A 576 -13.13 -24.92 8.88
CA LYS A 576 -11.99 -25.82 8.85
C LYS A 576 -10.70 -25.05 9.04
N VAL A 577 -10.62 -23.85 8.43
CA VAL A 577 -9.47 -22.97 8.67
C VAL A 577 -9.31 -22.69 10.15
N ILE A 578 -10.42 -22.45 10.86
CA ILE A 578 -10.31 -22.13 12.29
C ILE A 578 -9.85 -23.35 13.07
N ASP A 579 -10.37 -24.52 12.72
CA ASP A 579 -10.09 -25.72 13.49
C ASP A 579 -8.62 -26.12 13.35
N GLN A 580 -8.06 -25.97 12.15
CA GLN A 580 -6.66 -26.31 11.95
C GLN A 580 -5.73 -25.35 12.66
N PHE A 581 -6.17 -24.10 12.83
CA PHE A 581 -5.46 -23.17 13.67
C PHE A 581 -5.67 -23.46 15.16
N TYR A 582 -6.93 -23.68 15.56
CA TYR A 582 -7.28 -23.69 16.97
C TYR A 582 -6.71 -24.88 17.71
N LYS A 583 -6.82 -26.06 17.12
CA LYS A 583 -6.35 -27.29 17.77
C LYS A 583 -4.92 -27.16 18.29
N PRO A 584 -3.92 -26.73 17.51
CA PRO A 584 -2.60 -26.51 18.14
C PRO A 584 -2.57 -25.31 19.06
N PHE A 585 -3.23 -24.21 18.67
CA PHE A 585 -3.18 -23.01 19.47
C PHE A 585 -3.72 -23.24 20.88
N GLU A 586 -4.81 -24.01 20.99
CA GLU A 586 -5.41 -24.29 22.27
C GLU A 586 -4.40 -24.87 23.26
N LYS A 587 -3.59 -25.85 22.80
CA LYS A 587 -2.56 -26.44 23.66
C LYS A 587 -1.56 -25.40 24.13
N GLU A 588 -1.15 -24.49 23.24
CA GLU A 588 -0.19 -23.47 23.65
C GLU A 588 -0.78 -22.53 24.70
N VAL A 589 -2.09 -22.24 24.64
CA VAL A 589 -2.70 -21.37 25.64
C VAL A 589 -2.71 -22.05 27.01
N ILE A 590 -3.02 -23.34 27.05
CA ILE A 590 -2.98 -24.09 28.29
C ILE A 590 -1.58 -24.03 28.91
N LYS A 591 -0.55 -24.26 28.09
CA LYS A 591 0.81 -24.30 28.62
C LYS A 591 1.28 -22.93 29.08
N ALA A 592 0.85 -21.86 28.39
CA ALA A 592 1.19 -20.52 28.82
C ALA A 592 0.44 -20.10 30.08
N GLU A 593 -0.65 -20.78 30.42
CA GLU A 593 -1.37 -20.45 31.64
C GLU A 593 -0.86 -21.19 32.86
N GLU A 594 -0.04 -22.23 32.66
CA GLU A 594 0.70 -22.89 33.73
C GLU A 594 1.35 -21.89 34.68
MG MG B . -11.76 -9.39 6.24
MG MG C . -12.39 -9.96 16.11
MG MG D . -7.65 0.58 5.75
MG MG E . 14.41 -1.83 13.29
MG MG F . -6.10 -10.03 10.81
MG MG G . -30.95 -3.67 18.85
C FMT H . -10.56 -4.53 2.01
O1 FMT H . -10.23 -5.58 1.42
O2 FMT H . -11.36 -4.43 2.96
C FMT I . -5.31 -32.47 16.97
O1 FMT I . -4.58 -32.01 17.87
O2 FMT I . -5.29 -32.10 15.79
C FMT J . 14.45 -3.41 3.77
O1 FMT J . 13.41 -3.75 4.34
O2 FMT J . 15.20 -2.52 4.19
C FMT K . -16.84 -4.56 -8.96
O1 FMT K . -16.86 -5.78 -9.16
O2 FMT K . -17.35 -4.01 -7.98
C FMT L . 8.47 -10.01 31.95
O1 FMT L . 8.08 -8.87 32.23
O2 FMT L . 8.64 -10.44 30.81
C FMT M . -11.29 -0.88 -6.67
O1 FMT M . -11.80 -1.82 -7.31
O2 FMT M . -10.79 0.19 -7.11
C FMT N . -2.80 18.94 8.93
O1 FMT N . -3.11 18.27 7.92
O2 FMT N . -2.67 20.16 8.95
C FMT O . 17.67 -0.63 22.30
O1 FMT O . 18.12 -0.02 21.33
O2 FMT O . 18.21 -1.61 22.82
C FMT P . 32.03 -0.20 -0.11
O1 FMT P . 30.87 0.22 -0.14
O2 FMT P . 32.84 -0.06 -1.03
C FMT Q . -21.35 -20.35 7.75
O1 FMT Q . -21.77 -19.34 7.16
O2 FMT Q . -21.32 -20.51 8.98
C FMT R . -34.90 12.45 -5.40
O1 FMT R . -35.69 12.02 -4.56
O2 FMT R . -33.76 12.01 -5.60
C FMT S . -33.44 -12.54 11.72
O1 FMT S . -34.05 -13.16 12.59
O2 FMT S . -33.28 -12.92 10.55
C FMT T . -9.71 -2.44 -23.74
O1 FMT T . -10.15 -3.56 -24.02
O2 FMT T . -9.21 -1.64 -24.55
C FMT U . 28.52 12.89 -2.35
O1 FMT U . 29.06 11.88 -1.88
O2 FMT U . 28.05 12.96 -3.49
#